data_5L8X
#
_entry.id   5L8X
#
_cell.length_a   64.690
_cell.length_b   37.030
_cell.length_c   65.160
_cell.angle_alpha   90.00
_cell.angle_beta   91.98
_cell.angle_gamma   90.00
#
_symmetry.space_group_name_H-M   'P 1 21 1'
#
loop_
_entity.id
_entity.type
_entity.pdbx_description
1 polymer 'Tetrahydromethanopterin S-methyltransferase subunit A'
2 polymer 'Tetrahydromethanopterin S-methyltransferase subunit A'
3 non-polymer '(2S)-2-hydroxybutanedioic acid'
4 non-polymer D-MALATE
5 water water
#
loop_
_entity_poly.entity_id
_entity_poly.type
_entity_poly.pdbx_seq_one_letter_code
_entity_poly.pdbx_strand_id
1 'polypeptide(L)'
;SHMANKREPAPGWPIVSGEYVVGNPESCVGVVTLGSHGLEQACIDAGAAIAGPCHTENLGIEKVVANYISNPNIRFMILC
GSEVQGHITGQCFKALWENGIGDDGGIIGAKGAIPFLENVNKEAVERFRRQIVEVVDLIDCEDIGKITQAIKECLSKDPG
AIDEDPFIIELE
;
A
2 'polypeptide(L)'
;GSHMANKREPAPGWPIVSGEYVVGNPESCVGVVTLGSHGLEQACIDAGAAIAGPCHTENLGIEKVVANYISNPNIRFMIL
CGSEVQGHITGQCFKALWENGIGDDGGIIGAKGAIPFLENVNKEAVERFRRQIVEVVDLIDCEDIGKITQAIKECLSKDP
GAIDEDPFIIELE
;
B
#
loop_
_chem_comp.id
_chem_comp.type
_chem_comp.name
_chem_comp.formula
LMR non-polymer '(2S)-2-hydroxybutanedioic acid' 'C4 H6 O5'
MLT non-polymer D-MALATE 'C4 H6 O5'
#
# COMPACT_ATOMS: atom_id res chain seq x y z
N SER A 1 -5.97 -35.73 20.76
CA SER A 1 -6.63 -37.03 20.62
C SER A 1 -7.89 -36.91 19.75
N HIS A 2 -7.80 -36.09 18.70
CA HIS A 2 -8.99 -35.66 17.98
C HIS A 2 -8.71 -35.52 16.50
N MET A 3 -9.80 -35.42 15.74
CA MET A 3 -9.72 -35.14 14.32
C MET A 3 -10.44 -33.80 14.16
N ALA A 4 -9.67 -32.74 13.90
CA ALA A 4 -10.23 -31.39 13.82
C ALA A 4 -11.09 -31.18 12.57
N ASN A 5 -12.29 -30.66 12.75
CA ASN A 5 -13.14 -30.43 11.58
C ASN A 5 -12.57 -29.33 10.67
N LYS A 6 -12.85 -29.45 9.37
CA LYS A 6 -12.25 -28.57 8.37
C LYS A 6 -13.30 -28.05 7.40
N ARG A 7 -13.11 -26.82 6.92
CA ARG A 7 -14.01 -26.23 5.94
C ARG A 7 -13.28 -25.85 4.65
N GLU A 8 -14.03 -25.64 3.58
CA GLU A 8 -13.44 -25.16 2.34
C GLU A 8 -13.17 -23.67 2.50
N PRO A 9 -11.93 -23.23 2.22
CA PRO A 9 -11.70 -21.78 2.16
C PRO A 9 -12.44 -21.17 0.99
N ALA A 10 -12.45 -19.84 0.89
CA ALA A 10 -13.02 -19.17 -0.27
C ALA A 10 -12.37 -19.68 -1.55
N PRO A 11 -13.15 -19.87 -2.63
CA PRO A 11 -12.47 -20.21 -3.89
C PRO A 11 -11.40 -19.20 -4.28
N GLY A 12 -10.25 -19.67 -4.76
CA GLY A 12 -9.18 -18.74 -5.07
C GLY A 12 -8.33 -18.32 -3.88
N TRP A 13 -8.52 -18.93 -2.71
CA TRP A 13 -7.82 -18.51 -1.49
C TRP A 13 -6.30 -18.70 -1.64
N PRO A 14 -5.50 -17.70 -1.21
CA PRO A 14 -5.85 -16.39 -0.63
C PRO A 14 -6.29 -15.43 -1.70
N ILE A 15 -7.38 -14.70 -1.49
CA ILE A 15 -7.95 -13.90 -2.57
C ILE A 15 -7.22 -12.56 -2.74
N VAL A 16 -6.82 -11.96 -1.64
CA VAL A 16 -6.10 -10.69 -1.67
C VAL A 16 -4.63 -10.91 -2.01
N SER A 17 -4.15 -10.29 -3.09
CA SER A 17 -2.76 -10.43 -3.51
C SER A 17 -1.82 -9.73 -2.51
N GLY A 18 -0.63 -10.28 -2.31
CA GLY A 18 0.32 -9.61 -1.45
C GLY A 18 1.63 -10.34 -1.35
N GLU A 19 2.41 -10.00 -0.34
CA GLU A 19 3.71 -10.62 -0.10
C GLU A 19 3.58 -11.73 0.93
N TYR A 20 3.45 -12.96 0.45
CA TYR A 20 3.33 -14.12 1.34
C TYR A 20 3.61 -15.37 0.56
N VAL A 21 3.82 -16.47 1.27
CA VAL A 21 3.93 -17.78 0.67
C VAL A 21 2.73 -18.59 1.15
N VAL A 22 2.09 -19.34 0.26
CA VAL A 22 0.92 -20.12 0.65
C VAL A 22 1.30 -21.54 1.04
N GLY A 23 0.74 -22.03 2.14
CA GLY A 23 0.98 -23.40 2.60
C GLY A 23 -0.25 -24.29 2.44
N ASN A 24 -0.46 -25.18 3.41
CA ASN A 24 -1.63 -26.05 3.46
C ASN A 24 -2.84 -25.28 3.91
N PRO A 25 -3.87 -25.14 3.04
CA PRO A 25 -5.04 -24.30 3.38
C PRO A 25 -5.87 -24.82 4.54
N GLU A 26 -5.68 -26.07 4.94
CA GLU A 26 -6.43 -26.58 6.08
C GLU A 26 -5.67 -26.46 7.40
N SER A 27 -4.46 -25.89 7.35
CA SER A 27 -3.70 -25.59 8.56
C SER A 27 -4.42 -24.56 9.43
N CYS A 28 -4.34 -24.73 10.74
CA CYS A 28 -5.00 -23.80 11.66
C CYS A 28 -4.13 -22.62 12.05
N VAL A 29 -2.93 -22.51 11.47
CA VAL A 29 -1.96 -21.48 11.89
C VAL A 29 -1.54 -20.51 10.80
N GLY A 30 -1.64 -19.20 11.05
CA GLY A 30 -1.08 -18.22 10.13
C GLY A 30 0.12 -17.52 10.76
N VAL A 31 1.13 -17.16 9.98
CA VAL A 31 2.31 -16.51 10.57
C VAL A 31 2.59 -15.16 9.89
N VAL A 32 2.71 -14.13 10.73
CA VAL A 32 3.07 -12.78 10.29
C VAL A 32 4.51 -12.48 10.73
N THR A 33 5.37 -12.16 9.77
CA THR A 33 6.80 -12.03 10.07
C THR A 33 7.31 -10.59 10.12
N LEU A 34 6.38 -9.65 10.15
CA LEU A 34 6.66 -8.22 10.35
C LEU A 34 7.81 -7.73 9.46
N GLY A 35 8.86 -7.19 10.08
CA GLY A 35 10.01 -6.62 9.38
C GLY A 35 11.17 -7.54 9.05
N SER A 36 11.02 -8.84 9.31
CA SER A 36 12.11 -9.79 9.06
C SER A 36 12.17 -10.34 7.64
N HIS A 37 13.34 -10.83 7.24
CA HIS A 37 13.49 -11.55 5.97
C HIS A 37 13.85 -13.00 6.26
N GLY A 38 13.37 -13.91 5.41
CA GLY A 38 13.85 -15.29 5.40
C GLY A 38 13.16 -16.30 6.31
N LEU A 39 12.10 -15.87 6.98
CA LEU A 39 11.38 -16.76 7.89
C LEU A 39 10.21 -17.52 7.25
N GLU A 40 9.73 -17.03 6.10
CA GLU A 40 8.47 -17.54 5.54
C GLU A 40 8.49 -19.01 5.16
N GLN A 41 9.44 -19.41 4.32
CA GLN A 41 9.51 -20.80 3.87
C GLN A 41 9.54 -21.80 5.02
N ALA A 42 10.34 -21.50 6.04
CA ALA A 42 10.47 -22.40 7.18
C ALA A 42 9.12 -22.54 7.90
N CYS A 43 8.32 -21.47 7.89
CA CYS A 43 7.03 -21.49 8.57
C CYS A 43 6.06 -22.38 7.81
N ILE A 44 6.08 -22.28 6.48
CA ILE A 44 5.25 -23.12 5.62
C ILE A 44 5.68 -24.59 5.74
N ASP A 45 6.98 -24.84 5.72
CA ASP A 45 7.50 -26.20 5.90
C ASP A 45 7.11 -26.81 7.27
N ALA A 46 7.03 -25.97 8.29
CA ALA A 46 6.57 -26.39 9.61
C ALA A 46 5.07 -26.66 9.69
N GLY A 47 4.32 -26.19 8.68
CA GLY A 47 2.89 -26.45 8.65
C GLY A 47 1.94 -25.28 8.63
N ALA A 48 2.45 -24.07 8.47
CA ALA A 48 1.58 -22.89 8.44
C ALA A 48 0.66 -22.89 7.21
N ALA A 49 -0.52 -22.31 7.33
CA ALA A 49 -1.41 -22.14 6.17
C ALA A 49 -0.87 -21.06 5.23
N ILE A 50 -0.23 -20.05 5.81
CA ILE A 50 0.25 -18.88 5.06
C ILE A 50 1.26 -18.16 5.95
N ALA A 51 2.25 -17.54 5.35
CA ALA A 51 3.27 -16.85 6.12
C ALA A 51 3.78 -15.71 5.28
N GLY A 52 3.96 -14.55 5.90
CA GLY A 52 4.44 -13.39 5.17
C GLY A 52 4.70 -12.21 6.05
N PRO A 53 5.44 -11.22 5.53
CA PRO A 53 5.75 -9.96 6.23
C PRO A 53 4.52 -9.07 6.36
N CYS A 54 4.62 -8.08 7.23
CA CYS A 54 3.57 -7.09 7.34
C CYS A 54 4.25 -5.79 7.71
N HIS A 55 4.30 -4.87 6.76
CA HIS A 55 5.09 -3.65 6.93
C HIS A 55 4.25 -2.52 7.54
N THR A 56 3.05 -2.29 7.02
CA THR A 56 2.29 -1.15 7.50
C THR A 56 1.17 -1.56 8.44
N GLU A 57 0.83 -0.64 9.34
CA GLU A 57 -0.15 -0.86 10.40
C GLU A 57 -1.55 -0.47 9.94
N ASN A 58 -1.70 -0.28 8.63
CA ASN A 58 -3.01 0.00 8.04
C ASN A 58 -3.28 -1.01 6.93
N LEU A 59 -2.77 -0.75 5.73
CA LEU A 59 -2.96 -1.68 4.61
C LEU A 59 -2.45 -3.09 4.91
N GLY A 60 -1.28 -3.19 5.54
CA GLY A 60 -0.68 -4.48 5.83
C GLY A 60 -1.59 -5.31 6.72
N ILE A 61 -2.07 -4.69 7.79
CA ILE A 61 -2.99 -5.36 8.70
C ILE A 61 -4.27 -5.78 7.96
N GLU A 62 -4.82 -4.90 7.11
CA GLU A 62 -6.02 -5.27 6.37
C GLU A 62 -5.82 -6.50 5.50
N LYS A 63 -4.71 -6.57 4.77
CA LYS A 63 -4.53 -7.73 3.88
C LYS A 63 -4.42 -9.04 4.69
N VAL A 64 -3.83 -8.98 5.88
CA VAL A 64 -3.74 -10.19 6.71
C VAL A 64 -5.13 -10.56 7.23
N VAL A 65 -5.84 -9.59 7.81
CA VAL A 65 -7.18 -9.86 8.32
C VAL A 65 -8.07 -10.45 7.22
N ALA A 66 -8.04 -9.84 6.04
CA ALA A 66 -8.87 -10.27 4.91
C ALA A 66 -8.55 -11.70 4.48
N ASN A 67 -7.27 -12.05 4.41
CA ASN A 67 -6.92 -13.40 3.99
C ASN A 67 -7.08 -14.48 5.08
N TYR A 68 -7.17 -14.09 6.35
CA TYR A 68 -7.41 -15.06 7.40
C TYR A 68 -8.89 -15.36 7.50
N ILE A 69 -9.76 -14.33 7.44
CA ILE A 69 -11.18 -14.60 7.69
C ILE A 69 -11.88 -15.23 6.48
N SER A 70 -11.25 -15.20 5.31
CA SER A 70 -11.72 -15.97 4.15
C SER A 70 -11.33 -17.46 4.20
N ASN A 71 -10.58 -17.85 5.23
CA ASN A 71 -10.22 -19.27 5.47
C ASN A 71 -10.62 -19.68 6.90
N PRO A 72 -11.83 -20.26 7.05
CA PRO A 72 -12.35 -20.64 8.37
C PRO A 72 -11.43 -21.58 9.16
N ASN A 73 -10.47 -22.22 8.50
CA ASN A 73 -9.60 -23.18 9.17
C ASN A 73 -8.59 -22.51 10.10
N ILE A 74 -8.21 -21.28 9.80
CA ILE A 74 -7.15 -20.61 10.55
C ILE A 74 -7.68 -20.09 11.89
N ARG A 75 -7.13 -20.60 12.99
CA ARG A 75 -7.60 -20.24 14.33
C ARG A 75 -6.51 -19.58 15.19
N PHE A 76 -5.26 -19.62 14.72
CA PHE A 76 -4.11 -19.01 15.41
C PHE A 76 -3.35 -18.03 14.51
N MET A 77 -2.86 -16.96 15.12
CA MET A 77 -1.93 -16.05 14.47
C MET A 77 -0.66 -15.93 15.29
N ILE A 78 0.48 -16.21 14.67
CA ILE A 78 1.77 -16.01 15.33
C ILE A 78 2.40 -14.73 14.78
N LEU A 79 2.71 -13.80 15.68
CA LEU A 79 3.45 -12.59 15.35
C LEU A 79 4.90 -12.78 15.67
N CYS A 80 5.78 -12.72 14.68
CA CYS A 80 7.20 -12.87 14.94
C CYS A 80 7.99 -11.91 14.05
N GLY A 81 9.31 -11.89 14.20
CA GLY A 81 10.12 -11.01 13.40
C GLY A 81 10.34 -9.65 14.05
N SER A 82 11.21 -8.85 13.45
CA SER A 82 11.60 -7.56 14.03
C SER A 82 10.46 -6.55 13.97
N GLU A 83 10.21 -5.86 15.08
CA GLU A 83 9.26 -4.75 15.04
C GLU A 83 9.73 -3.65 14.11
N VAL A 84 8.75 -2.99 13.51
CA VAL A 84 8.95 -1.91 12.56
C VAL A 84 8.95 -0.56 13.30
N GLN A 85 10.05 0.18 13.30
CA GLN A 85 10.06 1.45 14.03
C GLN A 85 9.09 2.46 13.41
N GLY A 86 8.30 3.13 14.24
CA GLY A 86 7.31 4.10 13.78
C GLY A 86 5.99 3.46 13.44
N HIS A 87 6.04 2.43 12.59
CA HIS A 87 4.85 1.65 12.30
C HIS A 87 4.40 0.81 13.50
N ILE A 88 5.37 0.17 14.18
CA ILE A 88 5.10 -0.70 15.35
C ILE A 88 3.94 -1.64 15.06
N THR A 89 4.05 -2.32 13.92
CA THR A 89 2.96 -3.09 13.34
C THR A 89 2.53 -4.27 14.21
N GLY A 90 3.51 -4.94 14.81
CA GLY A 90 3.22 -6.06 15.71
C GLY A 90 2.37 -5.65 16.89
N GLN A 91 2.73 -4.53 17.54
CA GLN A 91 1.93 -4.02 18.66
C GLN A 91 0.53 -3.61 18.18
N CYS A 92 0.45 -3.01 16.98
CA CYS A 92 -0.84 -2.59 16.44
C CYS A 92 -1.76 -3.78 16.18
N PHE A 93 -1.20 -4.87 15.66
CA PHE A 93 -1.97 -6.08 15.40
C PHE A 93 -2.45 -6.72 16.73
N LYS A 94 -1.58 -6.76 17.75
CA LYS A 94 -1.99 -7.26 19.06
C LYS A 94 -3.15 -6.45 19.63
N ALA A 95 -3.08 -5.13 19.48
CA ALA A 95 -4.11 -4.25 20.00
C ALA A 95 -5.43 -4.42 19.26
N LEU A 96 -5.36 -4.65 17.94
CA LEU A 96 -6.57 -4.95 17.16
C LEU A 96 -7.25 -6.17 17.73
N TRP A 97 -6.48 -7.24 17.96
CA TRP A 97 -7.11 -8.47 18.44
C TRP A 97 -7.66 -8.29 19.86
N GLU A 98 -6.89 -7.64 20.72
CA GLU A 98 -7.30 -7.44 22.10
C GLU A 98 -8.46 -6.45 22.29
N ASN A 99 -8.50 -5.38 21.49
CA ASN A 99 -9.40 -4.26 21.76
C ASN A 99 -10.42 -3.94 20.65
N GLY A 100 -10.16 -4.37 19.42
CA GLY A 100 -11.06 -4.05 18.32
C GLY A 100 -10.79 -2.68 17.71
N ILE A 101 -11.75 -2.15 16.95
CA ILE A 101 -11.59 -0.82 16.33
C ILE A 101 -12.65 0.15 16.81
N GLY A 102 -12.34 1.44 16.68
CA GLY A 102 -13.26 2.51 16.99
C GLY A 102 -14.25 2.77 15.87
N ASP A 103 -15.14 3.73 16.10
CA ASP A 103 -16.15 4.12 15.12
C ASP A 103 -15.49 4.72 13.88
N ASP A 104 -14.31 5.28 14.09
CA ASP A 104 -13.51 5.93 13.05
C ASP A 104 -12.61 4.96 12.26
N GLY A 105 -12.58 3.69 12.66
CA GLY A 105 -11.73 2.74 12.01
C GLY A 105 -10.35 2.64 12.65
N GLY A 106 -10.14 3.41 13.71
CA GLY A 106 -8.87 3.40 14.43
C GLY A 106 -8.74 2.18 15.32
N ILE A 107 -7.56 1.58 15.33
CA ILE A 107 -7.30 0.41 16.18
C ILE A 107 -7.14 0.87 17.63
N ILE A 108 -8.00 0.35 18.52
CA ILE A 108 -8.03 0.84 19.89
C ILE A 108 -6.77 0.35 20.64
N GLY A 109 -6.07 1.30 21.25
CA GLY A 109 -4.82 1.03 21.95
C GLY A 109 -3.57 0.93 21.11
N ALA A 110 -3.66 1.21 19.80
CA ALA A 110 -2.49 1.08 18.93
C ALA A 110 -1.52 2.24 19.06
N LYS A 111 -0.23 1.92 19.11
CA LYS A 111 0.83 2.94 19.26
C LYS A 111 1.50 3.38 17.94
N GLY A 112 1.18 2.74 16.83
CA GLY A 112 1.79 3.07 15.56
C GLY A 112 1.34 4.42 15.00
N ALA A 113 1.95 4.84 13.90
CA ALA A 113 1.71 6.17 13.33
C ALA A 113 0.32 6.38 12.74
N ILE A 114 -0.13 5.45 11.90
CA ILE A 114 -1.42 5.55 11.19
C ILE A 114 -2.18 4.21 11.28
N PRO A 115 -2.66 3.88 12.48
CA PRO A 115 -3.34 2.60 12.70
C PRO A 115 -4.85 2.68 12.40
N PHE A 116 -5.20 2.85 11.14
CA PHE A 116 -6.60 2.97 10.72
C PHE A 116 -6.93 1.95 9.66
N LEU A 117 -8.09 1.33 9.80
CA LEU A 117 -8.56 0.39 8.78
C LEU A 117 -9.66 1.08 7.98
N GLU A 118 -9.36 1.41 6.73
CA GLU A 118 -10.28 2.18 5.90
C GLU A 118 -11.33 1.31 5.25
N ASN A 119 -11.02 0.03 5.05
CA ASN A 119 -11.90 -0.85 4.32
C ASN A 119 -12.51 -1.99 5.17
N VAL A 120 -11.74 -2.44 6.15
CA VAL A 120 -12.18 -3.55 7.03
C VAL A 120 -13.08 -3.02 8.13
N ASN A 121 -14.37 -3.36 8.05
CA ASN A 121 -15.35 -2.80 8.98
C ASN A 121 -15.46 -3.51 10.33
N LYS A 122 -16.36 -3.01 11.16
CA LYS A 122 -16.53 -3.52 12.53
C LYS A 122 -16.93 -5.00 12.54
N GLU A 123 -17.79 -5.39 11.60
CA GLU A 123 -18.22 -6.79 11.51
C GLU A 123 -17.09 -7.74 11.12
N ALA A 124 -16.22 -7.29 10.22
CA ALA A 124 -15.06 -8.08 9.81
C ALA A 124 -14.06 -8.22 10.97
N VAL A 125 -13.82 -7.13 11.68
CA VAL A 125 -12.95 -7.16 12.85
C VAL A 125 -13.47 -8.13 13.91
N GLU A 126 -14.78 -8.14 14.15
CA GLU A 126 -15.33 -9.03 15.17
C GLU A 126 -15.24 -10.47 14.71
N ARG A 127 -15.43 -10.73 13.41
CA ARG A 127 -15.15 -12.09 12.88
C ARG A 127 -13.69 -12.48 13.11
N PHE A 128 -12.74 -11.59 12.78
CA PHE A 128 -11.32 -11.87 13.09
C PHE A 128 -11.11 -12.20 14.57
N ARG A 129 -11.75 -11.45 15.46
CA ARG A 129 -11.50 -11.64 16.89
C ARG A 129 -12.10 -12.95 17.48
N ARG A 130 -13.19 -13.48 16.92
CA ARG A 130 -13.71 -14.77 17.42
C ARG A 130 -13.14 -15.95 16.63
N GLN A 131 -12.72 -15.72 15.39
CA GLN A 131 -12.07 -16.79 14.63
C GLN A 131 -10.68 -17.09 15.16
N ILE A 132 -9.89 -16.05 15.47
CA ILE A 132 -8.55 -16.27 15.99
C ILE A 132 -8.64 -16.47 17.50
N VAL A 133 -8.35 -17.68 17.97
CA VAL A 133 -8.58 -18.00 19.37
C VAL A 133 -7.40 -17.55 20.22
N GLU A 134 -6.24 -17.37 19.60
CA GLU A 134 -5.05 -16.93 20.35
C GLU A 134 -4.03 -16.26 19.44
N VAL A 135 -3.43 -15.18 19.94
CA VAL A 135 -2.33 -14.53 19.24
C VAL A 135 -1.05 -14.85 19.97
N VAL A 136 -0.10 -15.48 19.27
CA VAL A 136 1.16 -15.85 19.88
C VAL A 136 2.16 -14.73 19.68
N ASP A 137 2.60 -14.12 20.79
CA ASP A 137 3.48 -12.97 20.74
C ASP A 137 4.94 -13.42 20.73
N LEU A 138 5.51 -13.51 19.53
CA LEU A 138 6.97 -13.71 19.39
C LEU A 138 7.58 -12.50 18.68
N ILE A 139 7.00 -11.33 18.94
CA ILE A 139 7.51 -10.08 18.39
C ILE A 139 8.98 -9.82 18.73
N ASP A 140 9.76 -9.45 17.70
CA ASP A 140 11.23 -9.29 17.76
C ASP A 140 12.01 -10.60 17.82
N CYS A 141 11.32 -11.74 17.82
CA CYS A 141 12.04 -13.01 17.76
C CYS A 141 12.28 -13.43 16.31
N GLU A 142 13.53 -13.76 15.99
CA GLU A 142 13.90 -14.24 14.65
C GLU A 142 14.55 -15.62 14.72
N ASP A 143 14.36 -16.31 15.85
CA ASP A 143 14.83 -17.68 15.97
C ASP A 143 13.83 -18.64 15.35
N ILE A 144 14.19 -19.15 14.17
CA ILE A 144 13.30 -20.04 13.40
C ILE A 144 12.97 -21.29 14.22
N GLY A 145 13.93 -21.77 15.01
CA GLY A 145 13.69 -22.91 15.89
C GLY A 145 12.56 -22.68 16.87
N LYS A 146 12.54 -21.52 17.52
CA LYS A 146 11.47 -21.21 18.46
C LYS A 146 10.11 -21.02 17.74
N ILE A 147 10.15 -20.28 16.64
CA ILE A 147 8.94 -20.02 15.86
C ILE A 147 8.30 -21.31 15.33
N THR A 148 9.11 -22.22 14.81
CA THR A 148 8.58 -23.51 14.34
C THR A 148 8.00 -24.32 15.51
N GLN A 149 8.63 -24.23 16.68
CA GLN A 149 8.09 -24.92 17.87
C GLN A 149 6.70 -24.38 18.21
N ALA A 150 6.57 -23.07 18.12
CA ALA A 150 5.28 -22.43 18.34
C ALA A 150 4.24 -22.91 17.31
N ILE A 151 4.65 -23.06 16.05
CA ILE A 151 3.75 -23.56 15.00
C ILE A 151 3.25 -24.98 15.31
N LYS A 152 4.17 -25.88 15.64
CA LYS A 152 3.79 -27.24 15.98
C LYS A 152 2.91 -27.33 17.23
N GLU A 153 3.16 -26.45 18.20
CA GLU A 153 2.33 -26.41 19.40
C GLU A 153 0.89 -26.03 19.06
N CYS A 154 0.72 -25.06 18.17
CA CYS A 154 -0.60 -24.65 17.71
C CYS A 154 -1.28 -25.78 16.94
N LEU A 155 -0.53 -26.40 16.03
CA LEU A 155 -1.07 -27.50 15.23
C LEU A 155 -1.55 -28.65 16.12
N SER A 156 -0.85 -28.89 17.24
CA SER A 156 -1.24 -29.97 18.15
C SER A 156 -2.47 -29.63 18.97
N LYS A 157 -2.83 -28.35 18.97
CA LYS A 157 -4.00 -27.83 19.69
C LYS A 157 -5.16 -27.45 18.76
N ASP A 158 -5.10 -27.89 17.50
CA ASP A 158 -6.08 -27.49 16.48
C ASP A 158 -7.51 -27.73 16.98
N PRO A 159 -8.29 -26.65 17.17
CA PRO A 159 -9.69 -26.81 17.59
C PRO A 159 -10.67 -26.95 16.42
N GLY A 160 -10.15 -27.08 15.20
CA GLY A 160 -11.00 -27.22 14.02
C GLY A 160 -11.52 -25.88 13.55
N ALA A 161 -12.09 -25.84 12.34
CA ALA A 161 -12.52 -24.58 11.73
C ALA A 161 -13.56 -23.86 12.57
N ILE A 162 -13.69 -22.55 12.41
CA ILE A 162 -14.83 -21.87 12.98
C ILE A 162 -16.01 -22.37 12.16
N ASP A 163 -17.18 -22.51 12.78
CA ASP A 163 -18.33 -23.08 12.07
C ASP A 163 -19.12 -21.94 11.42
N GLU A 164 -18.45 -21.27 10.48
CA GLU A 164 -19.03 -20.20 9.68
C GLU A 164 -18.47 -20.30 8.28
N ASP A 165 -19.18 -19.74 7.31
CA ASP A 165 -18.67 -19.71 5.94
C ASP A 165 -17.48 -18.75 5.82
N PRO A 166 -16.74 -18.82 4.70
CA PRO A 166 -15.74 -17.76 4.52
C PRO A 166 -16.33 -16.35 4.54
N PHE A 167 -15.64 -15.46 5.25
CA PHE A 167 -16.01 -14.06 5.35
C PHE A 167 -15.20 -13.25 4.34
N ILE A 168 -15.91 -12.61 3.41
CA ILE A 168 -15.27 -11.89 2.33
C ILE A 168 -15.39 -10.41 2.59
N ILE A 169 -14.26 -9.75 2.82
CA ILE A 169 -14.28 -8.30 2.94
C ILE A 169 -13.50 -7.73 1.74
N GLU A 170 -14.10 -6.75 1.04
CA GLU A 170 -13.47 -6.13 -0.13
C GLU A 170 -12.52 -5.03 0.28
N LEU A 171 -11.28 -5.11 -0.21
CA LEU A 171 -10.28 -4.10 0.09
C LEU A 171 -10.23 -3.12 -1.08
N GLU A 172 -9.19 -2.28 -1.13
CA GLU A 172 -9.07 -1.30 -2.21
C GLU A 172 -8.78 -2.01 -3.53
N GLY B 1 -5.51 2.12 -29.35
CA GLY B 1 -6.06 3.44 -29.57
C GLY B 1 -7.19 3.37 -30.58
N SER B 2 -7.81 4.52 -30.84
CA SER B 2 -8.87 4.70 -31.81
C SER B 2 -9.52 6.03 -31.58
N HIS B 3 -8.81 6.93 -30.91
CA HIS B 3 -9.49 8.06 -30.31
C HIS B 3 -8.67 9.34 -30.39
N MET B 4 -9.35 10.42 -30.04
CA MET B 4 -8.80 11.75 -30.16
C MET B 4 -8.21 12.26 -28.87
N ALA B 5 -6.89 12.45 -28.87
CA ALA B 5 -6.24 13.05 -27.71
C ALA B 5 -6.60 14.54 -27.70
N ASN B 6 -7.76 14.83 -27.10
CA ASN B 6 -8.28 16.17 -26.88
C ASN B 6 -7.49 16.90 -25.81
N LYS B 7 -7.46 18.24 -25.86
CA LYS B 7 -6.67 18.98 -24.88
C LYS B 7 -7.45 20.15 -24.26
N ARG B 8 -7.21 20.43 -22.98
CA ARG B 8 -7.85 21.54 -22.28
C ARG B 8 -6.79 22.54 -21.86
N GLU B 9 -7.25 23.73 -21.46
CA GLU B 9 -6.37 24.75 -20.90
C GLU B 9 -6.00 24.46 -19.46
N PRO B 10 -4.69 24.49 -19.17
CA PRO B 10 -4.28 24.45 -17.76
C PRO B 10 -4.68 25.72 -17.05
N ALA B 11 -4.48 25.71 -15.74
CA ALA B 11 -4.65 26.93 -14.94
C ALA B 11 -3.80 28.06 -15.53
N PRO B 12 -4.32 29.30 -15.50
CA PRO B 12 -3.41 30.37 -15.89
C PRO B 12 -2.14 30.37 -15.03
N GLY B 13 -0.98 30.57 -15.65
CA GLY B 13 0.27 30.57 -14.90
C GLY B 13 0.87 29.21 -14.65
N TRP B 14 0.27 28.16 -15.23
CA TRP B 14 0.70 26.80 -14.93
C TRP B 14 2.15 26.56 -15.31
N PRO B 15 2.92 25.90 -14.42
CA PRO B 15 2.54 25.44 -13.07
C PRO B 15 2.62 26.57 -12.06
N ILE B 16 1.65 26.70 -11.16
CA ILE B 16 1.60 27.83 -10.24
C ILE B 16 2.55 27.68 -9.05
N VAL B 17 2.70 26.47 -8.53
CA VAL B 17 3.59 26.24 -7.39
C VAL B 17 5.07 26.19 -7.81
N SER B 18 5.88 27.09 -7.26
CA SER B 18 7.31 27.15 -7.60
C SER B 18 8.02 25.91 -7.07
N GLY B 19 9.04 25.43 -7.79
CA GLY B 19 9.83 24.33 -7.28
C GLY B 19 10.90 23.90 -8.23
N GLU B 20 11.44 22.69 -8.00
CA GLU B 20 12.51 22.16 -8.85
C GLU B 20 11.94 21.26 -9.94
N TYR B 21 11.74 21.84 -11.11
CA TYR B 21 11.24 21.09 -12.26
C TYR B 21 11.51 21.85 -13.54
N VAL B 22 11.37 21.14 -14.65
CA VAL B 22 11.40 21.78 -15.96
C VAL B 22 10.01 21.61 -16.59
N VAL B 23 9.52 22.68 -17.21
CA VAL B 23 8.19 22.64 -17.82
C VAL B 23 8.33 22.21 -19.28
N GLY B 24 7.47 21.32 -19.74
CA GLY B 24 7.45 20.89 -21.12
C GLY B 24 6.21 21.36 -21.88
N ASN B 25 5.71 20.49 -22.75
CA ASN B 25 4.46 20.75 -23.49
C ASN B 25 3.29 20.62 -22.54
N PRO B 26 2.59 21.73 -22.28
CA PRO B 26 1.51 21.73 -21.28
C PRO B 26 0.34 20.84 -21.65
N GLU B 27 0.27 20.43 -22.91
CA GLU B 27 -0.80 19.57 -23.39
C GLU B 27 -0.45 18.07 -23.30
N SER B 28 0.78 17.79 -22.91
CA SER B 28 1.19 16.39 -22.73
C SER B 28 0.45 15.69 -21.59
N CYS B 29 0.20 14.40 -21.77
CA CYS B 29 -0.51 13.64 -20.76
C CYS B 29 0.42 13.00 -19.72
N VAL B 30 1.73 13.25 -19.80
CA VAL B 30 2.69 12.57 -18.91
C VAL B 30 3.47 13.50 -18.03
N GLY B 31 3.46 13.25 -16.72
CA GLY B 31 4.33 13.94 -15.80
C GLY B 31 5.34 12.94 -15.27
N VAL B 32 6.57 13.40 -15.02
CA VAL B 32 7.63 12.51 -14.56
C VAL B 32 8.26 13.01 -13.27
N VAL B 33 8.28 12.15 -12.25
CA VAL B 33 8.90 12.47 -10.97
C VAL B 33 10.17 11.67 -10.82
N THR B 34 11.30 12.35 -10.63
CA THR B 34 12.59 11.65 -10.64
C THR B 34 13.15 11.42 -9.23
N LEU B 35 12.32 11.61 -8.21
CA LEU B 35 12.64 11.28 -6.81
C LEU B 35 14.01 11.81 -6.38
N GLY B 36 14.94 10.90 -6.05
CA GLY B 36 16.25 11.32 -5.59
C GLY B 36 17.30 11.53 -6.68
N SER B 37 16.91 11.40 -7.95
CA SER B 37 17.84 11.63 -9.07
C SER B 37 17.76 13.06 -9.63
N HIS B 38 18.88 13.57 -10.14
CA HIS B 38 18.93 14.88 -10.81
C HIS B 38 19.41 14.82 -12.26
N GLY B 39 18.91 15.73 -13.10
CA GLY B 39 19.46 15.89 -14.44
C GLY B 39 18.75 15.06 -15.50
N LEU B 40 17.64 14.44 -15.11
CA LEU B 40 16.90 13.59 -16.03
C LEU B 40 15.81 14.40 -16.76
N GLU B 41 15.59 15.63 -16.30
CA GLU B 41 14.45 16.44 -16.73
C GLU B 41 14.40 16.71 -18.22
N GLN B 42 15.49 17.24 -18.76
CA GLN B 42 15.55 17.62 -20.15
C GLN B 42 15.23 16.43 -21.06
N ALA B 43 15.78 15.27 -20.71
CA ALA B 43 15.56 14.07 -21.49
C ALA B 43 14.08 13.70 -21.48
N CYS B 44 13.43 13.95 -20.34
CA CYS B 44 12.01 13.65 -20.22
C CYS B 44 11.18 14.65 -21.02
N ILE B 45 11.55 15.94 -20.96
CA ILE B 45 10.84 16.96 -21.70
C ILE B 45 10.99 16.78 -23.22
N ASP B 46 12.23 16.53 -23.65
CA ASP B 46 12.52 16.25 -25.06
C ASP B 46 11.77 14.99 -25.52
N ALA B 47 11.56 14.06 -24.59
CA ALA B 47 10.80 12.85 -24.88
C ALA B 47 9.30 13.12 -25.02
N GLY B 48 8.85 14.28 -24.53
CA GLY B 48 7.45 14.65 -24.67
C GLY B 48 6.66 14.86 -23.38
N ALA B 49 7.33 14.81 -22.22
CA ALA B 49 6.64 14.99 -20.92
C ALA B 49 6.12 16.40 -20.73
N ALA B 50 5.05 16.56 -19.97
CA ALA B 50 4.51 17.89 -19.62
C ALA B 50 5.37 18.66 -18.60
N ILE B 51 5.96 17.90 -17.70
CA ILE B 51 6.71 18.44 -16.59
C ILE B 51 7.52 17.29 -16.03
N ALA B 52 8.70 17.60 -15.51
CA ALA B 52 9.62 16.61 -15.00
C ALA B 52 10.48 17.25 -13.91
N GLY B 53 10.69 16.51 -12.82
CA GLY B 53 11.49 17.02 -11.72
C GLY B 53 11.63 16.05 -10.57
N PRO B 54 12.61 16.31 -9.70
CA PRO B 54 12.92 15.53 -8.50
C PRO B 54 11.84 15.67 -7.42
N CYS B 55 11.86 14.80 -6.42
CA CYS B 55 10.96 14.90 -5.26
C CYS B 55 11.63 14.25 -4.05
N HIS B 56 12.02 15.04 -3.05
CA HIS B 56 12.77 14.50 -1.91
C HIS B 56 11.90 14.04 -0.74
N THR B 57 10.97 14.88 -0.29
CA THR B 57 10.21 14.59 0.93
C THR B 57 8.84 14.00 0.62
N GLU B 58 8.38 13.13 1.53
CA GLU B 58 7.17 12.34 1.31
C GLU B 58 5.95 13.06 1.88
N ASN B 59 6.14 14.34 2.20
CA ASN B 59 5.05 15.17 2.66
C ASN B 59 4.99 16.43 1.79
N LEU B 60 5.81 17.44 2.05
CA LEU B 60 5.77 18.67 1.23
C LEU B 60 6.04 18.38 -0.25
N GLY B 61 7.04 17.53 -0.53
CA GLY B 61 7.44 17.25 -1.90
C GLY B 61 6.30 16.67 -2.71
N ILE B 62 5.64 15.66 -2.14
CA ILE B 62 4.49 15.01 -2.78
C ILE B 62 3.36 16.01 -3.00
N GLU B 63 3.12 16.85 -2.00
CA GLU B 63 2.08 17.89 -2.10
C GLU B 63 2.36 18.81 -3.30
N LYS B 64 3.60 19.23 -3.49
CA LYS B 64 3.90 20.13 -4.63
C LYS B 64 3.69 19.46 -5.97
N VAL B 65 3.94 18.16 -6.05
CA VAL B 65 3.72 17.49 -7.32
C VAL B 65 2.22 17.36 -7.53
N VAL B 66 1.50 16.89 -6.50
CA VAL B 66 0.04 16.76 -6.62
C VAL B 66 -0.63 18.08 -7.06
N ALA B 67 -0.26 19.17 -6.42
CA ALA B 67 -0.83 20.49 -6.71
C ALA B 67 -0.55 20.89 -8.17
N ASN B 68 0.65 20.64 -8.64
CA ASN B 68 0.96 21.04 -10.01
C ASN B 68 0.41 20.07 -11.07
N TYR B 69 0.03 18.85 -10.67
CA TYR B 69 -0.60 17.96 -11.66
C TYR B 69 -2.09 18.21 -11.78
N ILE B 70 -2.80 18.45 -10.68
CA ILE B 70 -4.27 18.52 -10.79
C ILE B 70 -4.75 19.88 -11.31
N SER B 71 -3.85 20.85 -11.33
CA SER B 71 -4.12 22.12 -12.03
C SER B 71 -3.95 22.03 -13.56
N ASN B 72 -3.53 20.87 -14.07
CA ASN B 72 -3.40 20.66 -15.53
C ASN B 72 -4.22 19.43 -15.97
N PRO B 73 -5.45 19.67 -16.40
CA PRO B 73 -6.36 18.57 -16.76
C PRO B 73 -5.80 17.60 -17.79
N ASN B 74 -4.80 17.99 -18.55
CA ASN B 74 -4.27 17.12 -19.58
C ASN B 74 -3.46 15.96 -19.01
N ILE B 75 -2.86 16.15 -17.83
CA ILE B 75 -1.92 15.15 -17.32
C ILE B 75 -2.68 13.95 -16.75
N ARG B 76 -2.48 12.77 -17.36
CA ARG B 76 -3.21 11.56 -16.98
C ARG B 76 -2.30 10.43 -16.49
N PHE B 77 -0.98 10.57 -16.70
CA PHE B 77 -0.01 9.57 -16.25
C PHE B 77 1.06 10.20 -15.38
N MET B 78 1.55 9.43 -14.39
CA MET B 78 2.72 9.82 -13.62
C MET B 78 3.76 8.71 -13.70
N ILE B 79 4.98 9.04 -14.10
CA ILE B 79 6.08 8.09 -14.06
C ILE B 79 6.93 8.38 -12.83
N LEU B 80 7.09 7.38 -11.98
CA LEU B 80 8.01 7.44 -10.84
C LEU B 80 9.33 6.76 -11.20
N CYS B 81 10.40 7.53 -11.22
CA CYS B 81 11.71 6.98 -11.58
C CYS B 81 12.81 7.64 -10.75
N GLY B 82 14.06 7.23 -10.94
CA GLY B 82 15.16 7.80 -10.18
C GLY B 82 15.40 7.04 -8.90
N SER B 83 16.45 7.40 -8.17
CA SER B 83 16.83 6.69 -6.94
C SER B 83 15.79 6.90 -5.84
N GLU B 84 15.39 5.83 -5.16
CA GLU B 84 14.53 5.98 -3.99
C GLU B 84 15.23 6.82 -2.91
N VAL B 85 14.44 7.57 -2.14
CA VAL B 85 14.97 8.41 -1.06
C VAL B 85 14.97 7.69 0.31
N GLN B 86 16.14 7.54 0.91
CA GLN B 86 16.24 6.82 2.18
C GLN B 86 15.51 7.49 3.34
N GLY B 87 14.77 6.68 4.11
CA GLY B 87 14.05 7.16 5.28
C GLY B 87 12.69 7.73 4.93
N HIS B 88 12.72 8.70 4.02
CA HIS B 88 11.50 9.28 3.45
C HIS B 88 10.75 8.24 2.64
N ILE B 89 11.50 7.43 1.87
CA ILE B 89 10.95 6.40 0.96
C ILE B 89 9.83 7.00 0.10
N THR B 90 10.19 8.13 -0.52
CA THR B 90 9.22 9.00 -1.19
C THR B 90 8.52 8.34 -2.36
N GLY B 91 9.25 7.56 -3.17
CA GLY B 91 8.60 6.88 -4.28
C GLY B 91 7.52 5.88 -3.88
N GLN B 92 7.83 5.01 -2.93
CA GLN B 92 6.84 4.06 -2.44
C GLN B 92 5.67 4.80 -1.80
N CYS B 93 5.94 5.88 -1.07
CA CYS B 93 4.86 6.66 -0.46
C CYS B 93 3.92 7.25 -1.49
N PHE B 94 4.47 7.74 -2.60
CA PHE B 94 3.65 8.34 -3.66
C PHE B 94 2.79 7.28 -4.35
N LYS B 95 3.39 6.12 -4.60
CA LYS B 95 2.67 5.01 -5.19
C LYS B 95 1.53 4.60 -4.25
N ALA B 96 1.82 4.58 -2.95
CA ALA B 96 0.78 4.22 -1.98
C ALA B 96 -0.34 5.25 -1.93
N LEU B 97 0.01 6.54 -2.06
CA LEU B 97 -1.00 7.59 -2.11
C LEU B 97 -1.97 7.34 -3.28
N TRP B 98 -1.44 7.08 -4.46
CA TRP B 98 -2.30 6.88 -5.62
C TRP B 98 -3.15 5.61 -5.47
N GLU B 99 -2.53 4.53 -4.98
CA GLU B 99 -3.26 3.28 -4.83
C GLU B 99 -4.30 3.32 -3.70
N ASN B 100 -3.99 4.02 -2.61
CA ASN B 100 -4.83 3.88 -1.41
C ASN B 100 -5.46 5.15 -0.84
N GLY B 101 -4.92 6.31 -1.17
CA GLY B 101 -5.50 7.55 -0.65
C GLY B 101 -5.02 7.88 0.76
N ILE B 102 -5.73 8.78 1.42
CA ILE B 102 -5.35 9.20 2.77
C ILE B 102 -6.44 8.99 3.81
N GLY B 103 -6.03 8.94 5.07
CA GLY B 103 -6.98 8.91 6.16
C GLY B 103 -7.52 10.30 6.45
N ASP B 104 -8.42 10.43 7.41
CA ASP B 104 -8.96 11.73 7.80
C ASP B 104 -7.87 12.66 8.35
N ASP B 105 -6.81 12.07 8.92
CA ASP B 105 -5.72 12.82 9.54
C ASP B 105 -4.65 13.28 8.54
N GLY B 106 -4.83 12.91 7.27
CA GLY B 106 -3.86 13.26 6.25
C GLY B 106 -2.80 12.18 6.07
N GLY B 107 -2.95 11.08 6.82
CA GLY B 107 -1.98 10.00 6.75
C GLY B 107 -2.14 9.22 5.47
N ILE B 108 -1.02 8.95 4.80
CA ILE B 108 -1.02 8.20 3.56
C ILE B 108 -1.12 6.70 3.84
N ILE B 109 -2.18 6.09 3.34
CA ILE B 109 -2.45 4.67 3.61
C ILE B 109 -1.53 3.77 2.80
N GLY B 110 -0.88 2.82 3.46
CA GLY B 110 0.05 1.90 2.82
C GLY B 110 1.45 2.46 2.64
N ALA B 111 1.66 3.68 3.11
CA ALA B 111 2.97 4.32 2.96
C ALA B 111 3.95 3.79 3.99
N LYS B 112 5.16 3.48 3.54
CA LYS B 112 6.18 2.95 4.43
C LYS B 112 7.17 4.00 4.94
N GLY B 113 7.05 5.22 4.43
CA GLY B 113 7.97 6.30 4.79
C GLY B 113 7.87 6.79 6.23
N ALA B 114 8.77 7.71 6.59
CA ALA B 114 8.88 8.18 7.97
C ALA B 114 7.70 9.02 8.42
N ILE B 115 7.36 10.03 7.63
CA ILE B 115 6.31 10.96 8.03
C ILE B 115 5.40 11.21 6.83
N PRO B 116 4.60 10.19 6.48
CA PRO B 116 3.75 10.25 5.29
C PRO B 116 2.43 10.93 5.58
N PHE B 117 2.47 12.24 5.79
CA PHE B 117 1.27 13.01 6.08
C PHE B 117 1.12 14.19 5.10
N LEU B 118 -0.09 14.42 4.61
CA LEU B 118 -0.36 15.62 3.81
C LEU B 118 -1.15 16.65 4.63
N GLU B 119 -0.49 17.76 4.96
CA GLU B 119 -1.06 18.81 5.81
C GLU B 119 -1.92 19.83 5.03
N ASN B 120 -1.65 19.99 3.74
CA ASN B 120 -2.34 21.02 2.95
C ASN B 120 -3.23 20.48 1.85
N VAL B 121 -2.85 19.32 1.34
CA VAL B 121 -3.62 18.68 0.30
C VAL B 121 -4.70 17.86 1.00
N ASN B 122 -5.94 18.31 0.87
CA ASN B 122 -7.05 17.68 1.56
C ASN B 122 -7.57 16.49 0.78
N LYS B 123 -8.61 15.86 1.31
CA LYS B 123 -9.19 14.67 0.69
C LYS B 123 -9.77 14.88 -0.71
N GLU B 124 -10.45 16.00 -0.94
CA GLU B 124 -11.01 16.18 -2.27
C GLU B 124 -9.89 16.35 -3.31
N ALA B 125 -8.78 16.96 -2.93
CA ALA B 125 -7.66 17.11 -3.86
C ALA B 125 -7.03 15.75 -4.16
N VAL B 126 -6.87 14.93 -3.13
CA VAL B 126 -6.34 13.57 -3.32
C VAL B 126 -7.23 12.76 -4.28
N GLU B 127 -8.54 12.86 -4.13
CA GLU B 127 -9.42 12.04 -4.98
C GLU B 127 -9.41 12.55 -6.41
N ARG B 128 -9.29 13.87 -6.58
CA ARG B 128 -9.10 14.43 -7.91
C ARG B 128 -7.82 13.85 -8.52
N PHE B 129 -6.72 13.87 -7.77
CA PHE B 129 -5.46 13.27 -8.25
C PHE B 129 -5.67 11.80 -8.65
N ARG B 130 -6.36 11.05 -7.80
CA ARG B 130 -6.49 9.62 -8.02
C ARG B 130 -7.40 9.25 -9.20
N ARG B 131 -8.35 10.11 -9.58
CA ARG B 131 -9.13 9.82 -10.78
C ARG B 131 -8.55 10.52 -12.02
N GLN B 132 -7.82 11.62 -11.80
CA GLN B 132 -7.16 12.26 -12.94
C GLN B 132 -6.01 11.40 -13.45
N ILE B 133 -5.23 10.81 -12.53
CA ILE B 133 -4.12 9.96 -12.92
C ILE B 133 -4.62 8.53 -13.17
N VAL B 134 -4.52 8.09 -14.42
CA VAL B 134 -5.10 6.83 -14.86
C VAL B 134 -4.17 5.66 -14.60
N GLU B 135 -2.88 5.97 -14.55
CA GLU B 135 -1.85 4.96 -14.35
C GLU B 135 -0.61 5.57 -13.72
N VAL B 136 -0.02 4.86 -12.77
CA VAL B 136 1.29 5.24 -12.23
C VAL B 136 2.32 4.23 -12.72
N VAL B 137 3.38 4.70 -13.39
CA VAL B 137 4.42 3.80 -13.87
C VAL B 137 5.54 3.70 -12.84
N ASP B 138 5.74 2.50 -12.32
CA ASP B 138 6.72 2.23 -11.27
C ASP B 138 8.06 1.93 -11.90
N LEU B 139 8.90 2.95 -12.02
CA LEU B 139 10.30 2.77 -12.38
C LEU B 139 11.20 3.26 -11.25
N ILE B 140 10.72 3.11 -10.03
CA ILE B 140 11.45 3.51 -8.84
C ILE B 140 12.80 2.78 -8.84
N ASP B 141 13.86 3.54 -8.58
CA ASP B 141 15.26 3.07 -8.67
C ASP B 141 15.80 2.85 -10.10
N CYS B 142 15.01 3.11 -11.13
CA CYS B 142 15.55 3.02 -12.49
C CYS B 142 16.07 4.38 -12.95
N GLU B 143 17.29 4.42 -13.47
CA GLU B 143 17.87 5.68 -13.94
C GLU B 143 18.26 5.63 -15.41
N ASP B 144 17.74 4.64 -16.12
CA ASP B 144 18.00 4.49 -17.55
C ASP B 144 17.09 5.34 -18.42
N ILE B 145 17.67 6.39 -19.04
CA ILE B 145 16.92 7.34 -19.87
C ILE B 145 16.20 6.63 -21.00
N GLY B 146 16.84 5.59 -21.53
CA GLY B 146 16.21 4.77 -22.55
C GLY B 146 14.93 4.14 -22.02
N LYS B 147 14.99 3.60 -20.80
CA LYS B 147 13.82 2.97 -20.19
C LYS B 147 12.75 4.03 -19.89
N ILE B 148 13.17 5.13 -19.27
CA ILE B 148 12.25 6.24 -18.93
C ILE B 148 11.61 6.91 -20.16
N THR B 149 12.43 7.17 -21.18
CA THR B 149 11.96 7.78 -22.42
C THR B 149 10.96 6.83 -23.09
N GLN B 150 11.28 5.55 -23.01
CA GLN B 150 10.44 4.52 -23.57
C GLN B 150 9.07 4.51 -22.89
N ALA B 151 9.09 4.62 -21.56
CA ALA B 151 7.87 4.68 -20.77
C ALA B 151 7.02 5.90 -21.12
N ILE B 152 7.68 7.02 -21.36
CA ILE B 152 6.97 8.25 -21.75
C ILE B 152 6.14 8.09 -23.03
N LYS B 153 6.74 7.50 -24.05
CA LYS B 153 6.07 7.26 -25.32
C LYS B 153 4.88 6.32 -25.26
N GLU B 154 4.99 5.28 -24.42
CA GLU B 154 3.90 4.35 -24.25
C GLU B 154 2.70 5.05 -23.65
N CYS B 155 2.97 5.96 -22.72
CA CYS B 155 1.92 6.71 -22.07
C CYS B 155 1.23 7.61 -23.10
N LEU B 156 2.04 8.27 -23.92
CA LEU B 156 1.52 9.18 -24.96
C LEU B 156 0.68 8.43 -26.01
N SER B 157 1.06 7.19 -26.29
CA SER B 157 0.39 6.37 -27.30
C SER B 157 -0.96 5.91 -26.78
N LYS B 158 -1.14 6.02 -25.47
CA LYS B 158 -2.38 5.63 -24.82
C LYS B 158 -3.10 6.88 -24.39
N ASP B 159 -2.67 8.04 -24.90
CA ASP B 159 -3.24 9.31 -24.46
C ASP B 159 -4.74 9.23 -24.65
N PRO B 160 -5.48 9.24 -23.53
CA PRO B 160 -6.95 9.22 -23.54
C PRO B 160 -7.52 10.62 -23.61
N GLY B 161 -6.66 11.62 -23.76
CA GLY B 161 -7.11 13.00 -23.78
C GLY B 161 -7.27 13.56 -22.38
N ALA B 162 -7.48 14.87 -22.28
CA ALA B 162 -7.58 15.54 -20.98
C ALA B 162 -8.74 14.96 -20.18
N ILE B 163 -8.68 15.09 -18.85
CA ILE B 163 -9.84 14.79 -18.02
C ILE B 163 -10.86 15.90 -18.24
N ASP B 164 -12.14 15.56 -18.19
CA ASP B 164 -13.16 16.56 -18.47
C ASP B 164 -13.63 17.24 -17.20
N GLU B 165 -12.72 17.96 -16.56
CA GLU B 165 -13.00 18.78 -15.39
C GLU B 165 -12.12 20.02 -15.52
N ASP B 166 -12.50 21.12 -14.88
CA ASP B 166 -11.67 22.33 -14.90
C ASP B 166 -10.36 22.12 -14.11
N PRO B 167 -9.39 23.04 -14.28
CA PRO B 167 -8.22 22.99 -13.39
C PRO B 167 -8.61 23.04 -11.90
N PHE B 168 -7.97 22.19 -11.09
CA PHE B 168 -8.16 22.14 -9.64
C PHE B 168 -7.03 22.89 -8.96
N ILE B 169 -7.39 23.96 -8.26
CA ILE B 169 -6.39 24.84 -7.67
C ILE B 169 -6.34 24.70 -6.16
N ILE B 170 -5.21 24.25 -5.64
CA ILE B 170 -5.09 24.23 -4.18
C ILE B 170 -4.02 25.21 -3.76
N GLU B 171 -4.34 25.97 -2.73
CA GLU B 171 -3.39 26.89 -2.15
C GLU B 171 -2.57 26.11 -1.12
N LEU B 172 -1.25 26.14 -1.23
CA LEU B 172 -0.42 25.41 -0.28
C LEU B 172 0.01 26.31 0.87
C1 LMR C . 1.47 -4.94 0.19
O1A LMR C . 1.39 -4.05 -0.68
O1B LMR C . 0.90 -6.05 0.04
C2 LMR C . 2.27 -4.70 1.44
O2 LMR C . 3.29 -3.73 1.22
C3 LMR C . 1.35 -4.28 2.57
C4 LMR C . 2.22 -4.14 3.81
O4A LMR C . 2.83 -5.12 4.31
O4B LMR C . 2.34 -3.00 4.33
C1 MLT D . 11.13 18.55 -2.07
O1 MLT D . 11.34 18.00 -3.20
O2 MLT D . 10.84 17.85 -1.06
C2 MLT D . 11.22 20.04 -1.90
O3 MLT D . 9.95 20.54 -1.59
C3 MLT D . 11.79 20.72 -3.15
C4 MLT D . 11.35 22.17 -3.19
O4 MLT D . 12.13 23.08 -2.88
O5 MLT D . 10.20 22.49 -3.57
#